data_7U3S
#
_entry.id   7U3S
#
_cell.length_a   212.728
_cell.length_b   212.728
_cell.length_c   174.799
_cell.angle_alpha   90.000
_cell.angle_beta   90.000
_cell.angle_gamma   120.000
#
_symmetry.space_group_name_H-M   'H 3'
#
loop_
_entity.id
_entity.type
_entity.pdbx_description
1 polymer "DNA (5'-D(P*CP*CP*GP*TP*AP*CP*A)-3')"
2 polymer "DNA (5'-D(P*TP*CP*TP*GP*AP*TP*GP*T)-3')"
3 polymer "DNA (5'-D(P*GP*AP*GP*CP*AP*GP*CP*CP*TP*GP*TP*AP*CP*GP*GP*AP*CP*AP*TP*CP*A)-3')"
4 polymer "DNA (5'-D(P*GP*GP*CP*TP*GP*C)-3')"
5 polymer "DNA (5'-D(P*GP*AP*TP*GP*CP*TP*GP*AP*CP*GP*TP*AP*GP*TP*AP*GP*CP*AP*GP*AP*G)-3')"
6 polymer "DNA (5'-D(P*TP*CP*CP*TP*CP*TP*GP*CP*TP*AP*CP*TP*AP*CP*GP*TP*CP*AP*GP*CP*A)-3')"
#
loop_
_entity_poly.entity_id
_entity_poly.type
_entity_poly.pdbx_seq_one_letter_code
_entity_poly.pdbx_strand_id
1 'polydeoxyribonucleotide' (DC)(DC)(DG)(DT)(DA)(DC)(DA) B
2 'polydeoxyribonucleotide' (DT)(DC)(DT)(DG)(DA)(DT)(DG)(DT) C
3 'polydeoxyribonucleotide'
;(DG)(DA)(DG)(DC)(DA)(DG)(DC)(DC)(DT)(DG)(DT)(DA)(DC)(DG)(DG)(DA)(DC)(DA)(DT)(DC)
(DA)
;
A
4 'polydeoxyribonucleotide' (DG)(DG)(DC)(DT)(DG)(DC) D
5 'polydeoxyribonucleotide'
;(DG)(DA)(DT)(DG)(DC)(DT)(DG)(DA)(DC)(DG)(DT)(DA)(DG)(DT)(DA)(DG)(DC)(DA)(DG)(DA)
(DG)
;
X
6 'polydeoxyribonucleotide'
;(DT)(DC)(DC)(DT)(DC)(DT)(DG)(DC)(DT)(DA)(DC)(DT)(DA)(DC)(DG)(DT)(DC)(DA)(DG)(DC)
(DA)
;
Y
#